data_3F3A
#
_entry.id   3F3A
#
_cell.length_a   88.566
_cell.length_b   85.218
_cell.length_c   82.274
_cell.angle_alpha   90.00
_cell.angle_beta   93.33
_cell.angle_gamma   90.00
#
_symmetry.space_group_name_H-M   'C 1 2 1'
#
loop_
_entity.id
_entity.type
_entity.pdbx_description
1 polymer Transporter
2 non-polymer TRYPTOPHAN
3 non-polymer 'octyl beta-D-glucopyranoside'
4 non-polymer TETRADECANE
5 non-polymer 'SODIUM ION'
6 water water
#
_entity_poly.entity_id   1
_entity_poly.type   'polypeptide(L)'
_entity_poly.pdbx_seq_one_letter_code
;MEVKREHWATRLGLILAMAGNAVGLGNFLRFPVQAAENGGGAFMIPYIIAFLLVGIPLMWIEWAMGRYGGAQGHGTTPAI
FYLLWRNRFAKILGVFGLWIPLVVAIYYVYIESWTLGFAIKFLVGLVPEPPPNATDPDSILRPFKEFLYSYIGVPKGDEP
ILKPSLFAYIVFLITMFINVSILIRGISKGIERFAKIAMPTLFILAVFLVIRVFLLETPNGTAADGLNFLWTPDFEKLKD
PGVWIAAVGQIFFTLSLGFGAIITYASYVRKDQDIVLSGLTAATLNEKAEVILGGSISIPAAVAFFGVANAVAIAKAGAF
NLGFITLPAIFSQTAGGTFLGFLWFFLLFFAGLTSSIAIMQPMIAFLEDELKLSRKHAVLWTAAIVFFSAHLVMFLNKSL
DEMDFWAGTIGVVFFGLTELIIFFWIFGADKAWEEINRGGIIKVPRIYYYVMRYITPAFLAVLLVVWAREYIPKIMEETH
WTVWITRFYIIGLFLFLTFLVFLAERRRNHESAGTLVPR
;
_entity_poly.pdbx_strand_id   A
#
# COMPACT_ATOMS: atom_id res chain seq x y z
N ARG A 5 27.40 0.22 3.39
CA ARG A 5 25.95 0.34 3.21
C ARG A 5 25.25 1.01 4.40
N GLU A 6 24.20 1.77 4.11
CA GLU A 6 23.37 2.34 5.15
C GLU A 6 22.74 1.22 5.98
N HIS A 7 22.45 1.51 7.24
CA HIS A 7 21.76 0.55 8.10
C HIS A 7 20.80 1.29 9.02
N TRP A 8 19.74 0.61 9.42
CA TRP A 8 18.86 1.13 10.47
C TRP A 8 19.66 1.33 11.75
N ALA A 9 19.37 2.39 12.50
CA ALA A 9 20.10 2.69 13.73
C ALA A 9 19.60 1.87 14.89
N THR A 10 18.28 1.73 14.97
CA THR A 10 17.66 1.07 16.10
C THR A 10 16.67 -0.01 15.69
N ARG A 11 16.47 -0.96 16.60
CA ARG A 11 15.52 -2.03 16.37
C ARG A 11 14.16 -1.41 16.26
N LEU A 12 13.90 -0.48 17.16
CA LEU A 12 12.61 0.20 17.22
C LEU A 12 12.36 0.97 15.93
N GLY A 13 13.35 1.72 15.47
CA GLY A 13 13.23 2.48 14.26
C GLY A 13 12.97 1.59 13.05
N LEU A 14 13.71 0.50 12.95
CA LEU A 14 13.49 -0.47 11.87
C LEU A 14 12.04 -0.90 11.88
N ILE A 15 11.57 -1.27 13.06
CA ILE A 15 10.25 -1.88 13.17
C ILE A 15 9.15 -0.87 12.88
N LEU A 16 9.34 0.37 13.33
CA LEU A 16 8.35 1.41 13.09
C LEU A 16 8.33 1.81 11.61
N ALA A 17 9.49 1.78 10.97
CA ALA A 17 9.57 2.06 9.52
C ALA A 17 8.87 1.00 8.68
N MET A 18 9.14 -0.25 9.03
CA MET A 18 8.49 -1.39 8.38
C MET A 18 7.00 -1.42 8.66
N ALA A 19 6.62 -1.07 9.89
CA ALA A 19 5.21 -0.95 10.23
C ALA A 19 4.60 0.22 9.47
N GLY A 20 5.36 1.32 9.36
CA GLY A 20 4.89 2.46 8.60
C GLY A 20 4.74 2.05 7.14
N ASN A 21 5.63 1.24 6.61
CA ASN A 21 5.43 0.82 5.21
C ASN A 21 4.06 0.14 5.04
N ALA A 22 3.72 -0.75 5.97
CA ALA A 22 2.46 -1.48 5.88
C ALA A 22 1.23 -0.62 6.17
N VAL A 23 1.22 0.13 7.27
CA VAL A 23 0.06 0.91 7.65
C VAL A 23 -0.23 2.04 6.67
N GLY A 24 -1.28 1.91 5.86
CA GLY A 24 -1.60 2.94 4.89
C GLY A 24 -3.08 3.26 4.90
N LEU A 25 -3.58 3.85 3.82
CA LEU A 25 -4.99 4.20 3.77
C LEU A 25 -5.86 2.95 3.86
N GLY A 26 -5.35 1.82 3.37
CA GLY A 26 -6.07 0.56 3.41
C GLY A 26 -6.55 0.16 4.80
N ASN A 27 -5.71 0.42 5.81
CA ASN A 27 -6.05 0.02 7.16
C ASN A 27 -7.37 0.63 7.57
N PHE A 28 -7.56 1.89 7.21
CA PHE A 28 -8.69 2.69 7.68
C PHE A 28 -9.86 2.75 6.73
N LEU A 29 -9.65 2.33 5.47
CA LEU A 29 -10.71 2.41 4.47
C LEU A 29 -10.99 1.09 3.74
N ARG A 30 -9.94 0.41 3.28
CA ARG A 30 -10.15 -0.81 2.51
C ARG A 30 -10.55 -2.00 3.39
N PHE A 31 -9.81 -2.25 4.47
CA PHE A 31 -10.15 -3.39 5.29
C PHE A 31 -11.61 -3.36 5.74
N PRO A 32 -12.06 -2.22 6.29
CA PRO A 32 -13.43 -2.20 6.81
C PRO A 32 -14.44 -2.43 5.71
N VAL A 33 -14.17 -1.96 4.50
CA VAL A 33 -15.09 -2.16 3.37
C VAL A 33 -15.10 -3.62 2.90
N GLN A 34 -13.92 -4.24 2.88
CA GLN A 34 -13.79 -5.64 2.49
C GLN A 34 -14.40 -6.59 3.53
N ALA A 35 -14.24 -6.27 4.81
CA ALA A 35 -14.84 -7.07 5.86
C ALA A 35 -16.37 -6.98 5.86
N ALA A 36 -16.90 -5.79 5.61
CA ALA A 36 -18.34 -5.58 5.60
C ALA A 36 -18.99 -6.30 4.40
N GLU A 37 -18.26 -6.43 3.30
CA GLU A 37 -18.76 -7.03 2.08
C GLU A 37 -18.53 -8.53 1.99
N ASN A 38 -17.64 -9.04 2.83
CA ASN A 38 -17.23 -10.43 2.71
C ASN A 38 -17.43 -11.21 4.00
N GLY A 39 -18.52 -10.90 4.71
CA GLY A 39 -18.96 -11.72 5.82
C GLY A 39 -18.93 -11.11 7.20
N GLY A 40 -18.70 -9.80 7.29
CA GLY A 40 -18.58 -9.12 8.57
C GLY A 40 -17.58 -9.81 9.50
N GLY A 41 -18.02 -10.15 10.70
CA GLY A 41 -17.16 -10.87 11.63
C GLY A 41 -16.63 -12.16 11.07
N ALA A 42 -17.42 -12.80 10.20
CA ALA A 42 -17.03 -14.07 9.60
C ALA A 42 -15.73 -13.91 8.82
N PHE A 43 -15.55 -12.71 8.24
CA PHE A 43 -14.41 -12.40 7.41
C PHE A 43 -13.06 -12.60 8.12
N MET A 44 -13.07 -12.55 9.45
CA MET A 44 -11.86 -12.73 10.23
CA MET A 44 -11.85 -12.74 10.24
C MET A 44 -11.35 -14.17 10.14
N ILE A 45 -12.23 -15.06 9.70
CA ILE A 45 -11.86 -16.46 9.53
C ILE A 45 -10.86 -16.58 8.38
N PRO A 46 -11.30 -16.30 7.15
CA PRO A 46 -10.38 -16.38 6.02
C PRO A 46 -9.27 -15.34 6.11
N TYR A 47 -9.51 -14.25 6.84
CA TYR A 47 -8.52 -13.18 6.99
C TYR A 47 -7.38 -13.61 7.88
N ILE A 48 -7.71 -14.18 9.04
CA ILE A 48 -6.67 -14.71 9.93
C ILE A 48 -5.93 -15.88 9.27
N ILE A 49 -6.66 -16.70 8.53
CA ILE A 49 -6.05 -17.82 7.81
C ILE A 49 -5.05 -17.33 6.77
N ALA A 50 -5.46 -16.33 5.99
CA ALA A 50 -4.61 -15.71 5.00
C ALA A 50 -3.37 -15.12 5.64
N PHE A 51 -3.56 -14.47 6.78
CA PHE A 51 -2.46 -13.86 7.50
C PHE A 51 -1.41 -14.90 7.85
N LEU A 52 -1.86 -16.03 8.39
CA LEU A 52 -0.96 -17.09 8.84
C LEU A 52 -0.35 -17.88 7.68
N LEU A 53 -1.11 -18.08 6.61
CA LEU A 53 -0.68 -18.96 5.53
C LEU A 53 -0.06 -18.23 4.34
N VAL A 54 -0.33 -16.93 4.21
CA VAL A 54 0.24 -16.16 3.10
C VAL A 54 1.01 -14.93 3.57
N GLY A 55 0.39 -14.11 4.41
CA GLY A 55 0.98 -12.84 4.79
C GLY A 55 2.27 -12.96 5.58
N ILE A 56 2.23 -13.69 6.68
CA ILE A 56 3.41 -13.88 7.50
C ILE A 56 4.56 -14.55 6.75
N PRO A 57 4.27 -15.69 6.11
CA PRO A 57 5.29 -16.46 5.36
C PRO A 57 5.98 -15.62 4.29
N LEU A 58 5.20 -14.92 3.49
CA LEU A 58 5.78 -14.15 2.40
C LEU A 58 6.57 -12.96 2.94
N MET A 59 6.02 -12.31 3.97
CA MET A 59 6.73 -11.23 4.64
C MET A 59 8.13 -11.63 5.09
N TRP A 60 8.25 -12.75 5.81
CA TRP A 60 9.56 -13.23 6.26
C TRP A 60 10.49 -13.47 5.07
N ILE A 61 9.92 -14.03 4.01
CA ILE A 61 10.70 -14.33 2.81
C ILE A 61 11.27 -13.06 2.19
N GLU A 62 10.44 -12.05 2.03
CA GLU A 62 10.91 -10.75 1.53
C GLU A 62 11.98 -10.10 2.42
N TRP A 63 11.75 -10.12 3.75
CA TRP A 63 12.78 -9.65 4.68
C TRP A 63 14.06 -10.43 4.45
N ALA A 64 13.95 -11.75 4.30
CA ALA A 64 15.14 -12.58 4.13
C ALA A 64 15.86 -12.25 2.83
N MET A 65 15.10 -12.06 1.77
CA MET A 65 15.68 -11.73 0.48
C MET A 65 16.42 -10.40 0.51
N GLY A 66 15.82 -9.39 1.13
CA GLY A 66 16.45 -8.09 1.24
C GLY A 66 17.68 -8.10 2.13
N ARG A 67 17.59 -8.75 3.29
CA ARG A 67 18.75 -8.81 4.17
C ARG A 67 19.89 -9.49 3.43
N TYR A 68 19.57 -10.57 2.73
CA TYR A 68 20.52 -11.34 1.93
C TYR A 68 21.18 -10.51 0.85
N GLY A 69 20.38 -9.77 0.09
CA GLY A 69 20.93 -8.94 -0.96
C GLY A 69 21.75 -7.83 -0.35
N GLY A 70 21.23 -7.26 0.74
CA GLY A 70 21.90 -6.15 1.41
C GLY A 70 23.32 -6.49 1.79
N ALA A 71 23.54 -7.73 2.21
CA ALA A 71 24.87 -8.16 2.65
C ALA A 71 25.85 -8.14 1.47
N GLN A 72 25.32 -8.20 0.26
CA GLN A 72 26.16 -8.17 -0.91
C GLN A 72 26.07 -6.83 -1.66
N GLY A 73 25.54 -5.81 -0.99
CA GLY A 73 25.47 -4.48 -1.55
C GLY A 73 24.29 -4.22 -2.47
N HIS A 74 23.27 -5.10 -2.43
CA HIS A 74 22.14 -5.03 -3.36
C HIS A 74 20.78 -5.02 -2.66
N GLY A 75 20.02 -3.94 -2.83
CA GLY A 75 18.70 -3.85 -2.23
C GLY A 75 17.49 -4.05 -3.14
N THR A 76 17.72 -4.28 -4.44
CA THR A 76 16.63 -4.44 -5.42
C THR A 76 16.72 -5.77 -6.20
N THR A 77 15.60 -6.17 -6.79
CA THR A 77 15.44 -7.53 -7.27
C THR A 77 16.16 -7.90 -8.58
N PRO A 78 16.52 -6.93 -9.43
CA PRO A 78 17.29 -7.42 -10.58
C PRO A 78 18.57 -8.11 -10.09
N ALA A 79 19.27 -7.48 -9.15
CA ALA A 79 20.52 -8.01 -8.61
C ALA A 79 20.24 -9.18 -7.66
N ILE A 80 19.24 -9.00 -6.80
CA ILE A 80 18.97 -10.01 -5.80
C ILE A 80 18.48 -11.29 -6.44
N PHE A 81 17.57 -11.17 -7.40
CA PHE A 81 17.06 -12.35 -8.06
C PHE A 81 18.21 -13.12 -8.71
N TYR A 82 19.18 -12.38 -9.21
CA TYR A 82 20.29 -12.99 -9.93
C TYR A 82 21.19 -13.70 -8.93
N LEU A 83 21.30 -13.12 -7.73
CA LEU A 83 22.04 -13.74 -6.63
C LEU A 83 21.40 -15.06 -6.18
N LEU A 84 20.09 -15.16 -6.31
CA LEU A 84 19.35 -16.37 -5.91
C LEU A 84 19.30 -17.39 -7.04
N TRP A 85 19.58 -16.92 -8.25
CA TRP A 85 19.45 -17.74 -9.44
C TRP A 85 20.24 -17.08 -10.57
N ARG A 86 21.50 -17.49 -10.72
CA ARG A 86 22.41 -16.86 -11.67
C ARG A 86 22.05 -17.19 -13.10
N ASN A 87 21.02 -16.53 -13.59
CA ASN A 87 20.45 -16.80 -14.90
C ASN A 87 19.89 -15.48 -15.43
N ARG A 88 20.10 -15.22 -16.72
CA ARG A 88 19.67 -13.95 -17.31
C ARG A 88 18.19 -13.70 -17.12
N PHE A 89 17.39 -14.76 -17.12
CA PHE A 89 15.96 -14.63 -16.98
C PHE A 89 15.62 -14.20 -15.56
N ALA A 90 16.52 -14.49 -14.62
CA ALA A 90 16.33 -14.08 -13.23
C ALA A 90 16.45 -12.57 -13.14
N LYS A 91 17.45 -12.00 -13.81
CA LYS A 91 17.63 -10.56 -13.86
C LYS A 91 16.38 -9.88 -14.42
N ILE A 92 15.79 -10.49 -15.44
CA ILE A 92 14.62 -9.95 -16.11
CA ILE A 92 14.63 -9.88 -16.08
C ILE A 92 13.38 -9.98 -15.23
N LEU A 93 13.16 -11.12 -14.58
CA LEU A 93 12.07 -11.21 -13.63
C LEU A 93 12.33 -10.19 -12.52
N GLY A 94 13.62 -9.98 -12.23
CA GLY A 94 14.03 -9.07 -11.19
C GLY A 94 13.68 -7.64 -11.55
N VAL A 95 13.75 -7.34 -12.85
CA VAL A 95 13.41 -5.99 -13.32
C VAL A 95 11.95 -5.72 -12.99
N PHE A 96 11.11 -6.72 -13.16
CA PHE A 96 9.69 -6.60 -12.89
C PHE A 96 9.46 -6.16 -11.44
N GLY A 97 10.31 -6.64 -10.54
CA GLY A 97 10.17 -6.33 -9.13
C GLY A 97 10.61 -4.94 -8.75
N LEU A 98 11.32 -4.27 -9.66
CA LEU A 98 11.69 -2.86 -9.45
C LEU A 98 10.72 -1.94 -10.19
N TRP A 99 10.23 -2.42 -11.31
CA TRP A 99 9.21 -1.72 -12.08
C TRP A 99 7.91 -1.51 -11.28
N ILE A 100 7.48 -2.54 -10.55
CA ILE A 100 6.27 -2.42 -9.73
C ILE A 100 6.30 -1.21 -8.78
N PRO A 101 7.33 -1.08 -7.93
CA PRO A 101 7.28 0.05 -6.99
C PRO A 101 7.51 1.40 -7.69
N LEU A 102 8.24 1.39 -8.79
CA LEU A 102 8.36 2.61 -9.58
C LEU A 102 6.98 3.02 -10.12
N VAL A 103 6.26 2.09 -10.71
CA VAL A 103 4.95 2.44 -11.27
C VAL A 103 4.00 2.84 -10.15
N VAL A 104 4.04 2.12 -9.03
CA VAL A 104 3.14 2.42 -7.92
C VAL A 104 3.43 3.81 -7.35
N ALA A 105 4.72 4.13 -7.17
CA ALA A 105 5.10 5.45 -6.69
C ALA A 105 4.45 6.52 -7.57
N ILE A 106 4.37 6.20 -8.85
CA ILE A 106 3.98 7.16 -9.86
C ILE A 106 2.52 7.54 -9.75
N TYR A 107 1.69 6.64 -9.23
CA TYR A 107 0.35 7.07 -8.83
C TYR A 107 0.13 7.30 -7.33
N TYR A 108 0.92 6.66 -6.48
CA TYR A 108 0.58 6.68 -5.06
C TYR A 108 0.88 8.03 -4.43
N VAL A 109 1.94 8.68 -4.87
CA VAL A 109 2.29 9.95 -4.22
C VAL A 109 1.20 10.98 -4.51
N TYR A 110 0.61 10.89 -5.70
CA TYR A 110 -0.50 11.77 -6.06
C TYR A 110 -1.72 11.51 -5.16
N ILE A 111 -2.06 10.25 -4.94
CA ILE A 111 -3.14 9.90 -4.01
C ILE A 111 -2.85 10.49 -2.62
N GLU A 112 -1.63 10.28 -2.16
CA GLU A 112 -1.18 10.88 -0.92
C GLU A 112 -1.37 12.40 -0.91
N SER A 113 -1.01 13.04 -2.01
CA SER A 113 -1.12 14.51 -2.02
C SER A 113 -2.57 14.95 -1.75
N TRP A 114 -3.54 14.17 -2.20
CA TRP A 114 -4.94 14.54 -1.99
C TRP A 114 -5.27 14.60 -0.51
N THR A 115 -4.68 13.71 0.29
CA THR A 115 -5.01 13.68 1.72
C THR A 115 -4.43 14.93 2.39
N LEU A 116 -3.26 15.35 1.92
CA LEU A 116 -2.65 16.56 2.44
C LEU A 116 -3.48 17.80 2.06
N GLY A 117 -3.94 17.84 0.81
CA GLY A 117 -4.74 18.96 0.35
C GLY A 117 -6.03 19.06 1.14
N PHE A 118 -6.66 17.90 1.37
CA PHE A 118 -7.89 17.86 2.16
C PHE A 118 -7.64 18.21 3.63
N ALA A 119 -6.49 17.82 4.18
CA ALA A 119 -6.19 18.16 5.57
C ALA A 119 -6.08 19.68 5.71
N ILE A 120 -5.33 20.30 4.81
CA ILE A 120 -5.21 21.75 4.77
C ILE A 120 -6.56 22.46 4.66
N LYS A 121 -7.36 22.06 3.65
CA LYS A 121 -8.67 22.65 3.42
C LYS A 121 -9.59 22.52 4.65
N PHE A 122 -9.58 21.32 5.24
CA PHE A 122 -10.39 21.06 6.41
C PHE A 122 -9.88 21.83 7.64
N LEU A 123 -8.57 21.90 7.80
CA LEU A 123 -7.98 22.68 8.88
C LEU A 123 -8.42 24.14 8.86
N VAL A 124 -8.36 24.78 7.70
CA VAL A 124 -8.69 26.19 7.61
C VAL A 124 -10.18 26.41 7.38
N GLY A 125 -10.93 25.32 7.24
CA GLY A 125 -12.37 25.41 7.13
C GLY A 125 -12.84 25.78 5.73
N LEU A 126 -11.95 25.68 4.76
CA LEU A 126 -12.32 25.96 3.38
C LEU A 126 -12.99 24.74 2.74
N VAL A 127 -14.14 24.36 3.28
CA VAL A 127 -14.85 23.19 2.78
C VAL A 127 -16.31 23.55 2.54
N PRO A 128 -17.06 22.64 1.87
CA PRO A 128 -18.46 22.95 1.57
C PRO A 128 -19.29 22.94 2.85
N GLU A 129 -20.45 23.57 2.81
CA GLU A 129 -21.32 23.58 3.98
C GLU A 129 -22.78 23.39 3.60
N PRO A 130 -23.25 22.13 3.62
CA PRO A 130 -24.66 21.81 3.43
C PRO A 130 -25.40 21.91 4.77
N PRO A 131 -26.75 22.04 4.76
CA PRO A 131 -27.72 22.09 3.66
C PRO A 131 -27.19 22.61 2.34
N THR A 135 -30.77 17.94 5.75
CA THR A 135 -31.87 17.45 4.93
C THR A 135 -31.74 15.95 4.67
N ASP A 136 -31.64 15.58 3.40
CA ASP A 136 -31.55 14.17 3.00
C ASP A 136 -30.15 13.79 2.47
N PRO A 137 -29.83 12.49 2.48
CA PRO A 137 -28.48 11.95 2.23
C PRO A 137 -27.73 12.57 1.06
N ASP A 138 -28.35 12.60 -0.11
CA ASP A 138 -27.67 13.10 -1.30
C ASP A 138 -27.39 14.60 -1.20
N SER A 139 -28.23 15.30 -0.45
CA SER A 139 -28.12 16.74 -0.30
C SER A 139 -26.91 17.12 0.55
N ILE A 140 -26.42 16.16 1.32
CA ILE A 140 -25.22 16.37 2.13
C ILE A 140 -23.97 15.87 1.38
N LEU A 141 -24.12 14.76 0.66
CA LEU A 141 -23.00 14.15 -0.05
C LEU A 141 -22.57 14.98 -1.26
N ARG A 142 -23.53 15.43 -2.05
CA ARG A 142 -23.23 16.00 -3.37
C ARG A 142 -22.20 17.13 -3.33
N PRO A 143 -22.32 18.05 -2.35
CA PRO A 143 -21.33 19.13 -2.23
C PRO A 143 -19.93 18.61 -1.94
N PHE A 144 -19.83 17.48 -1.25
CA PHE A 144 -18.55 16.88 -0.99
C PHE A 144 -18.02 16.09 -2.19
N LYS A 145 -18.94 15.48 -2.93
CA LYS A 145 -18.56 14.82 -4.17
C LYS A 145 -18.01 15.85 -5.14
N GLU A 146 -18.71 16.99 -5.22
CA GLU A 146 -18.30 18.06 -6.12
C GLU A 146 -16.95 18.63 -5.69
N PHE A 147 -16.80 18.85 -4.39
CA PHE A 147 -15.55 19.30 -3.80
C PHE A 147 -14.37 18.42 -4.22
N LEU A 148 -14.52 17.11 -4.07
CA LEU A 148 -13.52 16.16 -4.51
C LEU A 148 -13.31 16.18 -6.04
N TYR A 149 -14.40 16.13 -6.78
CA TYR A 149 -14.33 16.14 -8.25
C TYR A 149 -13.62 17.38 -8.80
N SER A 150 -13.80 18.50 -8.12
CA SER A 150 -13.19 19.77 -8.51
C SER A 150 -11.71 19.77 -8.21
N TYR A 151 -11.34 19.12 -7.11
CA TYR A 151 -9.95 18.99 -6.71
C TYR A 151 -9.18 18.14 -7.73
N ILE A 152 -9.69 16.94 -7.98
CA ILE A 152 -9.05 15.98 -8.90
C ILE A 152 -9.26 16.36 -10.37
N GLY A 153 -10.36 17.08 -10.65
CA GLY A 153 -10.69 17.46 -12.00
C GLY A 153 -11.30 16.33 -12.82
N VAL A 154 -12.21 15.58 -12.20
CA VAL A 154 -12.98 14.55 -12.90
C VAL A 154 -13.58 15.13 -14.19
N PRO A 155 -13.54 14.38 -15.30
CA PRO A 155 -14.03 14.93 -16.57
C PRO A 155 -15.50 15.31 -16.48
N LYS A 156 -15.83 16.50 -16.96
CA LYS A 156 -17.22 16.93 -17.01
C LYS A 156 -17.82 16.54 -18.35
N GLY A 157 -16.96 16.31 -19.35
CA GLY A 157 -17.40 15.95 -20.68
C GLY A 157 -17.00 14.53 -21.06
N ASP A 158 -16.99 14.25 -22.36
CA ASP A 158 -16.71 12.90 -22.83
C ASP A 158 -15.22 12.63 -23.11
N GLU A 159 -14.38 13.64 -22.96
CA GLU A 159 -12.93 13.43 -23.06
C GLU A 159 -12.38 12.88 -21.73
N PRO A 160 -11.54 11.84 -21.81
CA PRO A 160 -11.09 11.22 -20.56
C PRO A 160 -9.95 12.06 -19.99
N ILE A 161 -10.12 13.37 -20.00
CA ILE A 161 -9.10 14.28 -19.56
C ILE A 161 -9.42 14.79 -18.16
N LEU A 162 -8.40 14.81 -17.31
CA LEU A 162 -8.55 15.30 -15.95
C LEU A 162 -7.95 16.70 -15.89
N LYS A 163 -8.45 17.53 -14.97
CA LYS A 163 -7.88 18.86 -14.78
C LYS A 163 -7.82 19.18 -13.29
N PRO A 164 -6.74 18.77 -12.62
CA PRO A 164 -6.64 19.01 -11.18
C PRO A 164 -6.64 20.50 -10.91
N SER A 165 -7.17 20.91 -9.76
CA SER A 165 -7.15 22.33 -9.43
C SER A 165 -5.70 22.74 -9.28
N LEU A 166 -5.44 24.03 -9.37
CA LEU A 166 -4.10 24.52 -9.16
C LEU A 166 -3.64 24.15 -7.76
N PHE A 167 -4.52 24.35 -6.77
CA PHE A 167 -4.25 23.97 -5.40
C PHE A 167 -3.80 22.51 -5.33
N ALA A 168 -4.55 21.62 -5.98
CA ALA A 168 -4.21 20.20 -6.01
C ALA A 168 -2.82 19.97 -6.57
N TYR A 169 -2.49 20.70 -7.62
CA TYR A 169 -1.21 20.51 -8.30
C TYR A 169 -0.08 20.97 -7.39
N ILE A 170 -0.27 22.16 -6.80
CA ILE A 170 0.71 22.69 -5.88
C ILE A 170 0.89 21.75 -4.68
N VAL A 171 -0.21 21.21 -4.18
CA VAL A 171 -0.10 20.29 -3.06
C VAL A 171 0.67 19.03 -3.47
N PHE A 172 0.48 18.60 -4.71
CA PHE A 172 1.30 17.50 -5.23
C PHE A 172 2.79 17.86 -5.21
N LEU A 173 3.12 19.07 -5.66
CA LEU A 173 4.51 19.53 -5.57
C LEU A 173 5.02 19.50 -4.13
N ILE A 174 4.21 19.99 -3.20
CA ILE A 174 4.60 20.03 -1.80
C ILE A 174 4.81 18.60 -1.30
N THR A 175 3.89 17.72 -1.66
CA THR A 175 3.95 16.34 -1.20
C THR A 175 5.22 15.66 -1.68
N MET A 176 5.58 15.88 -2.95
CA MET A 176 6.84 15.37 -3.50
C MET A 176 8.02 15.96 -2.74
N PHE A 177 7.97 17.26 -2.49
CA PHE A 177 8.98 17.94 -1.68
C PHE A 177 9.13 17.27 -0.31
N ILE A 178 8.02 16.97 0.35
CA ILE A 178 8.08 16.37 1.68
C ILE A 178 8.70 14.99 1.60
N ASN A 179 8.27 14.19 0.61
CA ASN A 179 8.90 12.90 0.43
C ASN A 179 10.40 13.02 0.21
N VAL A 180 10.80 13.97 -0.63
CA VAL A 180 12.21 14.15 -0.95
C VAL A 180 13.01 14.59 0.27
N SER A 181 12.43 15.48 1.07
CA SER A 181 13.09 15.95 2.28
C SER A 181 13.43 14.81 3.21
N ILE A 182 12.49 13.88 3.36
CA ILE A 182 12.75 12.70 4.18
C ILE A 182 13.77 11.78 3.53
N LEU A 183 13.51 11.40 2.29
CA LEU A 183 14.34 10.42 1.59
C LEU A 183 15.78 10.88 1.45
N ILE A 184 15.97 12.17 1.23
CA ILE A 184 17.30 12.65 0.91
C ILE A 184 18.22 12.59 2.13
N ARG A 185 17.62 12.42 3.30
CA ARG A 185 18.43 12.25 4.52
C ARG A 185 18.81 10.78 4.71
N GLY A 186 18.20 9.89 3.94
CA GLY A 186 18.62 8.50 3.95
C GLY A 186 17.89 7.65 4.96
N ILE A 187 18.41 6.44 5.19
CA ILE A 187 17.67 5.42 5.93
C ILE A 187 17.48 5.76 7.41
N SER A 188 18.57 5.97 8.14
CA SER A 188 18.47 6.18 9.58
C SER A 188 18.09 7.61 9.94
N LYS A 189 18.69 8.59 9.27
CA LYS A 189 18.42 9.99 9.61
C LYS A 189 17.17 10.56 8.91
N GLY A 190 16.62 9.81 7.96
CA GLY A 190 15.45 10.28 7.24
C GLY A 190 14.27 9.37 7.51
N ILE A 191 14.29 8.19 6.89
CA ILE A 191 13.13 7.32 6.99
C ILE A 191 12.88 6.91 8.47
N GLU A 192 13.93 6.44 9.13
CA GLU A 192 13.81 5.89 10.47
C GLU A 192 13.38 6.96 11.45
N ARG A 193 14.07 8.09 11.40
CA ARG A 193 13.77 9.24 12.24
C ARG A 193 12.32 9.67 12.03
N PHE A 194 11.86 9.70 10.78
CA PHE A 194 10.46 10.07 10.50
C PHE A 194 9.48 9.04 11.06
N ALA A 195 9.76 7.75 10.86
CA ALA A 195 8.92 6.69 11.39
C ALA A 195 8.71 6.83 12.90
N LYS A 196 9.75 7.23 13.62
CA LYS A 196 9.68 7.32 15.08
C LYS A 196 8.75 8.42 15.57
N ILE A 197 8.59 9.46 14.78
CA ILE A 197 7.58 10.49 15.06
C ILE A 197 6.24 10.08 14.48
N ALA A 198 6.27 9.54 13.26
CA ALA A 198 5.05 9.34 12.48
C ALA A 198 4.14 8.26 13.03
N MET A 199 4.71 7.15 13.47
CA MET A 199 3.89 6.05 13.94
C MET A 199 3.14 6.42 15.25
N PRO A 200 3.83 7.06 16.21
CA PRO A 200 3.11 7.46 17.42
C PRO A 200 2.03 8.49 17.13
N THR A 201 2.34 9.49 16.33
CA THR A 201 1.36 10.48 15.88
C THR A 201 0.15 9.79 15.27
N LEU A 202 0.41 8.82 14.40
CA LEU A 202 -0.63 8.10 13.71
C LEU A 202 -1.50 7.35 14.71
N PHE A 203 -0.83 6.70 15.65
CA PHE A 203 -1.51 5.96 16.71
C PHE A 203 -2.40 6.91 17.49
N ILE A 204 -1.86 8.06 17.85
CA ILE A 204 -2.61 9.04 18.65
C ILE A 204 -3.84 9.55 17.92
N LEU A 205 -3.67 9.92 16.65
CA LEU A 205 -4.80 10.43 15.87
C LEU A 205 -5.88 9.37 15.74
N ALA A 206 -5.46 8.13 15.50
CA ALA A 206 -6.42 7.06 15.28
C ALA A 206 -7.22 6.79 16.56
N VAL A 207 -6.54 6.81 17.70
CA VAL A 207 -7.23 6.56 18.96
C VAL A 207 -8.19 7.70 19.24
N PHE A 208 -7.73 8.93 19.12
CA PHE A 208 -8.62 10.07 19.28
C PHE A 208 -9.84 9.92 18.37
N LEU A 209 -9.60 9.53 17.12
CA LEU A 209 -10.68 9.37 16.16
C LEU A 209 -11.66 8.27 16.60
N VAL A 210 -11.14 7.16 17.07
CA VAL A 210 -11.99 6.06 17.52
C VAL A 210 -12.90 6.49 18.68
N ILE A 211 -12.30 7.21 19.62
CA ILE A 211 -13.06 7.72 20.74
C ILE A 211 -14.14 8.68 20.26
N ARG A 212 -13.75 9.69 19.49
CA ARG A 212 -14.72 10.65 19.01
C ARG A 212 -15.84 9.94 18.27
N VAL A 213 -15.47 8.98 17.42
CA VAL A 213 -16.46 8.28 16.63
C VAL A 213 -17.43 7.51 17.52
N PHE A 214 -16.91 6.91 18.59
CA PHE A 214 -17.72 6.05 19.43
C PHE A 214 -18.77 6.84 20.18
N LEU A 215 -18.64 8.16 20.16
CA LEU A 215 -19.57 9.01 20.92
C LEU A 215 -20.70 9.49 20.03
N LEU A 216 -20.52 9.33 18.72
CA LEU A 216 -21.48 9.82 17.75
C LEU A 216 -22.87 9.22 17.94
N GLU A 217 -23.86 10.11 18.02
CA GLU A 217 -25.26 9.72 18.10
C GLU A 217 -26.05 10.60 17.15
N THR A 218 -26.89 9.97 16.34
CA THR A 218 -27.82 10.70 15.46
C THR A 218 -29.17 9.99 15.53
N PRO A 219 -30.22 10.63 15.00
CA PRO A 219 -31.51 9.93 14.98
C PRO A 219 -31.42 8.64 14.16
N ASN A 220 -30.45 8.57 13.25
CA ASN A 220 -30.31 7.40 12.40
C ASN A 220 -29.59 6.24 13.05
N GLY A 221 -28.79 6.52 14.07
CA GLY A 221 -28.11 5.45 14.78
C GLY A 221 -26.92 5.94 15.57
N THR A 222 -26.13 4.99 16.04
CA THR A 222 -24.98 5.29 16.87
C THR A 222 -23.78 4.51 16.34
N ALA A 223 -22.62 4.80 16.92
CA ALA A 223 -21.40 4.12 16.53
C ALA A 223 -21.50 2.62 16.82
N ALA A 224 -22.13 2.29 17.94
CA ALA A 224 -22.39 0.90 18.29
C ALA A 224 -23.09 0.15 17.14
N ASP A 225 -24.12 0.76 16.57
CA ASP A 225 -24.83 0.16 15.44
C ASP A 225 -23.85 -0.17 14.32
N GLY A 226 -22.86 0.71 14.15
CA GLY A 226 -21.87 0.54 13.11
C GLY A 226 -20.98 -0.67 13.35
N LEU A 227 -20.46 -0.78 14.56
CA LEU A 227 -19.68 -1.94 14.96
C LEU A 227 -20.51 -3.20 14.81
N ASN A 228 -21.75 -3.13 15.29
CA ASN A 228 -22.70 -4.21 15.10
C ASN A 228 -22.73 -4.69 13.65
N PHE A 229 -23.17 -3.82 12.75
CA PHE A 229 -23.23 -4.16 11.33
C PHE A 229 -21.90 -4.71 10.81
N LEU A 230 -20.80 -4.07 11.21
CA LEU A 230 -19.48 -4.46 10.72
C LEU A 230 -19.09 -5.87 11.18
N TRP A 231 -19.39 -6.19 12.43
CA TRP A 231 -18.80 -7.36 13.04
C TRP A 231 -19.70 -8.59 13.21
N THR A 232 -21.01 -8.41 13.14
CA THR A 232 -21.89 -9.58 13.18
C THR A 232 -21.56 -10.50 12.01
N PRO A 233 -21.30 -11.77 12.31
CA PRO A 233 -20.85 -12.73 11.29
C PRO A 233 -21.94 -13.11 10.30
N ASP A 234 -21.54 -13.32 9.06
CA ASP A 234 -22.39 -13.94 8.05
C ASP A 234 -21.62 -15.14 7.52
N PHE A 235 -21.71 -16.25 8.23
CA PHE A 235 -20.89 -17.43 7.94
C PHE A 235 -21.23 -18.09 6.61
N GLU A 236 -22.29 -17.64 5.97
CA GLU A 236 -22.73 -18.24 4.70
C GLU A 236 -21.85 -17.77 3.55
N LYS A 237 -21.23 -16.60 3.71
CA LYS A 237 -20.41 -16.03 2.66
C LYS A 237 -19.09 -16.77 2.52
N LEU A 238 -18.71 -17.51 3.55
CA LEU A 238 -17.49 -18.30 3.50
C LEU A 238 -17.59 -19.38 2.41
N LYS A 239 -18.81 -19.80 2.12
CA LYS A 239 -19.05 -20.73 1.03
C LYS A 239 -18.46 -20.16 -0.26
N ASP A 240 -18.65 -18.86 -0.44
CA ASP A 240 -18.21 -18.16 -1.64
C ASP A 240 -16.68 -18.14 -1.70
N PRO A 241 -16.13 -18.52 -2.86
CA PRO A 241 -14.70 -18.48 -3.19
C PRO A 241 -14.12 -17.06 -3.30
N GLY A 242 -14.94 -16.10 -3.70
CA GLY A 242 -14.47 -14.73 -3.88
C GLY A 242 -14.21 -14.05 -2.54
N VAL A 243 -14.73 -14.63 -1.47
CA VAL A 243 -14.51 -14.12 -0.12
C VAL A 243 -13.10 -14.49 0.33
N TRP A 244 -12.63 -15.65 -0.10
CA TRP A 244 -11.29 -16.12 0.25
C TRP A 244 -10.25 -15.39 -0.59
N ILE A 245 -10.62 -15.09 -1.82
CA ILE A 245 -9.77 -14.28 -2.66
C ILE A 245 -9.65 -12.89 -2.06
N ALA A 246 -10.79 -12.33 -1.65
CA ALA A 246 -10.80 -11.00 -1.06
C ALA A 246 -9.90 -10.95 0.17
N ALA A 247 -10.00 -11.98 1.01
CA ALA A 247 -9.22 -12.04 2.24
C ALA A 247 -7.72 -12.16 1.98
N VAL A 248 -7.36 -13.04 1.06
CA VAL A 248 -5.95 -13.24 0.74
C VAL A 248 -5.40 -11.96 0.12
N GLY A 249 -6.17 -11.36 -0.77
CA GLY A 249 -5.79 -10.12 -1.41
C GLY A 249 -5.66 -9.00 -0.40
N GLN A 250 -6.58 -8.95 0.57
CA GLN A 250 -6.56 -7.89 1.57
C GLN A 250 -5.31 -8.01 2.43
N ILE A 251 -4.93 -9.23 2.78
CA ILE A 251 -3.69 -9.51 3.51
C ILE A 251 -2.44 -9.09 2.74
N PHE A 252 -2.40 -9.46 1.46
CA PHE A 252 -1.33 -9.07 0.57
C PHE A 252 -1.15 -7.55 0.51
N PHE A 253 -2.27 -6.87 0.31
CA PHE A 253 -2.28 -5.43 0.17
C PHE A 253 -1.90 -4.76 1.50
N THR A 254 -2.55 -5.18 2.58
CA THR A 254 -2.29 -4.59 3.89
C THR A 254 -0.81 -4.70 4.29
N LEU A 255 -0.18 -5.83 4.02
CA LEU A 255 1.21 -5.99 4.40
C LEU A 255 2.18 -5.47 3.33
N SER A 256 1.64 -4.92 2.24
CA SER A 256 2.46 -4.41 1.15
C SER A 256 3.36 -5.46 0.51
N LEU A 257 2.87 -6.69 0.41
CA LEU A 257 3.72 -7.76 -0.10
C LEU A 257 3.81 -7.68 -1.64
N GLY A 258 4.97 -8.05 -2.18
CA GLY A 258 5.20 -8.13 -3.62
C GLY A 258 5.49 -6.79 -4.28
N PHE A 259 5.56 -5.73 -3.46
CA PHE A 259 5.63 -4.36 -3.96
C PHE A 259 7.06 -3.86 -3.95
N GLY A 260 7.96 -4.62 -3.36
CA GLY A 260 9.37 -4.26 -3.37
C GLY A 260 9.91 -3.46 -2.20
N ALA A 261 9.04 -2.76 -1.44
CA ALA A 261 9.51 -1.91 -0.35
C ALA A 261 10.10 -2.71 0.80
N ILE A 262 9.47 -3.82 1.14
CA ILE A 262 9.97 -4.64 2.24
C ILE A 262 11.36 -5.16 1.91
N ILE A 263 11.54 -5.64 0.68
CA ILE A 263 12.83 -6.17 0.29
C ILE A 263 13.91 -5.09 0.43
N THR A 264 13.63 -3.91 -0.10
CA THR A 264 14.64 -2.85 -0.06
C THR A 264 14.89 -2.36 1.38
N TYR A 265 13.83 -2.20 2.18
CA TYR A 265 14.02 -1.80 3.57
C TYR A 265 14.85 -2.85 4.31
N ALA A 266 14.49 -4.11 4.15
CA ALA A 266 15.23 -5.22 4.76
C ALA A 266 16.70 -5.27 4.31
N SER A 267 17.03 -4.66 3.17
CA SER A 267 18.41 -4.65 2.69
C SER A 267 19.30 -3.75 3.54
N TYR A 268 18.72 -2.94 4.40
CA TYR A 268 19.52 -2.16 5.34
C TYR A 268 19.58 -2.77 6.74
N VAL A 269 18.97 -3.94 6.87
CA VAL A 269 19.14 -4.78 8.06
C VAL A 269 20.49 -5.50 7.98
N ARG A 270 21.24 -5.53 9.09
CA ARG A 270 22.59 -6.11 9.04
C ARG A 270 22.55 -7.64 8.80
N LYS A 271 23.67 -8.19 8.35
CA LYS A 271 23.70 -9.55 7.83
C LYS A 271 23.06 -10.59 8.75
N ASP A 272 23.35 -10.49 10.05
CA ASP A 272 22.88 -11.48 11.01
C ASP A 272 21.89 -10.89 11.99
N GLN A 273 21.53 -9.64 11.78
CA GLN A 273 20.51 -9.01 12.60
C GLN A 273 19.13 -9.65 12.34
N ASP A 274 18.41 -9.91 13.43
CA ASP A 274 17.13 -10.59 13.38
C ASP A 274 16.15 -9.98 12.37
N ILE A 275 15.38 -10.85 11.74
CA ILE A 275 14.27 -10.42 10.89
C ILE A 275 13.00 -11.19 11.27
N VAL A 276 13.15 -12.30 11.99
CA VAL A 276 12.00 -13.13 12.33
C VAL A 276 11.06 -12.39 13.27
N LEU A 277 11.59 -11.95 14.40
CA LEU A 277 10.76 -11.29 15.40
C LEU A 277 10.45 -9.86 14.95
N SER A 278 11.44 -9.17 14.40
CA SER A 278 11.21 -7.82 13.91
C SER A 278 10.11 -7.80 12.84
N GLY A 279 10.20 -8.70 11.88
CA GLY A 279 9.17 -8.78 10.85
C GLY A 279 7.82 -9.10 11.44
N LEU A 280 7.76 -10.13 12.27
CA LEU A 280 6.51 -10.45 12.97
C LEU A 280 5.93 -9.24 13.72
N THR A 281 6.78 -8.51 14.42
CA THR A 281 6.31 -7.37 15.22
C THR A 281 5.74 -6.25 14.34
N ALA A 282 6.38 -6.00 13.20
CA ALA A 282 5.90 -4.97 12.28
C ALA A 282 4.56 -5.36 11.68
N ALA A 283 4.41 -6.65 11.38
CA ALA A 283 3.15 -7.16 10.85
C ALA A 283 2.04 -7.01 11.88
N THR A 284 2.34 -7.35 13.13
CA THR A 284 1.33 -7.27 14.19
C THR A 284 0.87 -5.85 14.41
N LEU A 285 1.80 -4.91 14.37
CA LEU A 285 1.44 -3.50 14.48
C LEU A 285 0.45 -3.11 13.39
N ASN A 286 0.74 -3.55 12.15
CA ASN A 286 -0.16 -3.25 11.06
C ASN A 286 -1.55 -3.84 11.27
N GLU A 287 -1.59 -5.08 11.74
CA GLU A 287 -2.84 -5.77 12.02
C GLU A 287 -3.65 -5.08 13.11
N LYS A 288 -3.00 -4.65 14.18
CA LYS A 288 -3.72 -3.91 15.22
C LYS A 288 -4.27 -2.60 14.66
N ALA A 289 -3.44 -1.88 13.90
CA ALA A 289 -3.90 -0.61 13.35
C ALA A 289 -5.07 -0.88 12.40
N GLU A 290 -4.97 -2.00 11.68
CA GLU A 290 -6.01 -2.38 10.73
C GLU A 290 -7.31 -2.84 11.36
N VAL A 291 -7.28 -3.91 12.16
CA VAL A 291 -8.53 -4.43 12.68
C VAL A 291 -9.08 -3.65 13.88
N ILE A 292 -8.21 -3.20 14.77
CA ILE A 292 -8.71 -2.49 15.96
C ILE A 292 -9.09 -1.05 15.63
N LEU A 293 -8.17 -0.32 15.02
CA LEU A 293 -8.40 1.09 14.77
C LEU A 293 -9.23 1.31 13.52
N GLY A 294 -8.75 0.77 12.40
CA GLY A 294 -9.45 0.92 11.13
C GLY A 294 -10.85 0.36 11.16
N GLY A 295 -11.02 -0.73 11.90
CA GLY A 295 -12.33 -1.35 12.01
C GLY A 295 -13.30 -0.51 12.83
N SER A 296 -12.76 0.46 13.57
CA SER A 296 -13.54 1.22 14.54
C SER A 296 -13.93 2.63 14.11
N ILE A 297 -13.31 3.14 13.06
CA ILE A 297 -13.54 4.53 12.66
C ILE A 297 -14.54 4.72 11.52
N SER A 298 -14.10 4.46 10.29
CA SER A 298 -14.85 4.88 9.11
C SER A 298 -16.25 4.29 9.00
N ILE A 299 -16.37 2.97 9.15
CA ILE A 299 -17.69 2.36 8.97
C ILE A 299 -18.65 2.74 10.11
N PRO A 300 -18.20 2.58 11.36
CA PRO A 300 -19.06 2.97 12.48
C PRO A 300 -19.54 4.42 12.35
N ALA A 301 -18.70 5.33 11.85
CA ALA A 301 -19.10 6.72 11.67
C ALA A 301 -20.22 6.79 10.65
N ALA A 302 -20.00 6.15 9.51
CA ALA A 302 -20.94 6.22 8.41
C ALA A 302 -22.27 5.63 8.77
N VAL A 303 -22.24 4.51 9.49
CA VAL A 303 -23.48 3.88 9.92
C VAL A 303 -24.12 4.63 11.09
N ALA A 304 -23.32 5.20 11.98
CA ALA A 304 -23.90 6.00 13.06
C ALA A 304 -24.73 7.10 12.42
N PHE A 305 -24.17 7.72 11.39
CA PHE A 305 -24.79 8.91 10.82
C PHE A 305 -25.88 8.57 9.81
N PHE A 306 -25.65 7.57 8.99
CA PHE A 306 -26.60 7.24 7.95
C PHE A 306 -27.51 6.09 8.36
N GLY A 307 -27.11 5.35 9.38
CA GLY A 307 -27.92 4.27 9.90
C GLY A 307 -27.71 2.97 9.15
N VAL A 308 -27.81 1.86 9.88
CA VAL A 308 -27.63 0.52 9.32
C VAL A 308 -28.48 0.29 8.07
N ALA A 309 -29.53 1.08 7.90
CA ALA A 309 -30.37 1.01 6.70
C ALA A 309 -29.55 1.16 5.41
N ASN A 310 -28.54 2.02 5.45
CA ASN A 310 -27.70 2.25 4.28
C ASN A 310 -26.31 1.63 4.38
N ALA A 311 -26.09 0.86 5.44
CA ALA A 311 -24.79 0.24 5.67
C ALA A 311 -24.26 -0.48 4.43
N VAL A 312 -25.08 -1.38 3.89
CA VAL A 312 -24.68 -2.19 2.75
C VAL A 312 -24.34 -1.31 1.54
N ALA A 313 -25.27 -0.46 1.14
CA ALA A 313 -25.03 0.42 0.01
C ALA A 313 -23.74 1.22 0.20
N ILE A 314 -23.50 1.65 1.44
CA ILE A 314 -22.30 2.40 1.75
C ILE A 314 -21.03 1.56 1.58
N ALA A 315 -21.06 0.33 2.07
CA ALA A 315 -19.90 -0.55 1.92
C ALA A 315 -19.62 -0.79 0.43
N LYS A 316 -20.68 -1.00 -0.34
CA LYS A 316 -20.55 -1.31 -1.76
C LYS A 316 -20.01 -0.13 -2.55
N ALA A 317 -20.30 1.09 -2.09
CA ALA A 317 -19.84 2.28 -2.80
C ALA A 317 -18.32 2.43 -2.73
N GLY A 318 -17.68 1.65 -1.87
CA GLY A 318 -16.23 1.54 -1.85
C GLY A 318 -15.41 2.42 -0.90
N ALA A 319 -14.14 2.02 -0.74
CA ALA A 319 -13.19 2.65 0.17
C ALA A 319 -12.90 4.12 -0.15
N PHE A 320 -12.74 4.42 -1.43
CA PHE A 320 -12.46 5.79 -1.86
C PHE A 320 -13.63 6.74 -1.60
N ASN A 321 -14.85 6.36 -1.98
CA ASN A 321 -16.00 7.21 -1.67
C ASN A 321 -16.15 7.37 -0.16
N LEU A 322 -15.88 6.29 0.57
CA LEU A 322 -16.01 6.30 2.00
C LEU A 322 -15.07 7.31 2.65
N GLY A 323 -13.83 7.33 2.17
CA GLY A 323 -12.79 8.08 2.87
C GLY A 323 -12.78 9.53 2.44
N PHE A 324 -13.20 9.76 1.20
CA PHE A 324 -13.04 11.06 0.58
C PHE A 324 -14.32 11.81 0.32
N ILE A 325 -15.45 11.13 0.39
CA ILE A 325 -16.70 11.86 0.23
C ILE A 325 -17.59 11.71 1.46
N THR A 326 -17.88 10.46 1.80
CA THR A 326 -18.86 10.17 2.83
C THR A 326 -18.44 10.65 4.21
N LEU A 327 -17.19 10.40 4.60
CA LEU A 327 -16.74 10.86 5.92
C LEU A 327 -16.65 12.39 6.04
N PRO A 328 -16.00 13.05 5.07
CA PRO A 328 -16.07 14.52 4.97
C PRO A 328 -17.49 15.02 5.22
N ALA A 329 -18.45 14.46 4.49
CA ALA A 329 -19.85 14.86 4.63
C ALA A 329 -20.36 14.64 6.07
N ILE A 330 -20.10 13.46 6.62
CA ILE A 330 -20.49 13.16 7.99
C ILE A 330 -19.84 14.15 8.98
N PHE A 331 -18.57 14.48 8.76
CA PHE A 331 -17.87 15.48 9.56
C PHE A 331 -18.53 16.86 9.46
N SER A 332 -19.14 17.17 8.32
CA SER A 332 -19.77 18.48 8.13
C SER A 332 -21.09 18.59 8.90
N GLN A 333 -21.48 17.52 9.57
CA GLN A 333 -22.78 17.48 10.23
C GLN A 333 -22.68 17.18 11.71
N THR A 334 -21.45 17.12 12.21
CA THR A 334 -21.25 16.76 13.60
C THR A 334 -20.40 17.81 14.31
N ALA A 335 -20.51 17.84 15.64
CA ALA A 335 -19.85 18.86 16.44
C ALA A 335 -18.34 18.78 16.31
N GLY A 336 -17.72 19.90 15.95
CA GLY A 336 -16.27 19.96 15.79
C GLY A 336 -15.79 19.19 14.54
N GLY A 337 -16.72 18.89 13.63
CA GLY A 337 -16.46 17.97 12.53
C GLY A 337 -15.46 18.42 11.47
N THR A 338 -15.30 19.72 11.31
CA THR A 338 -14.36 20.25 10.33
C THR A 338 -12.95 19.96 10.83
N PHE A 339 -12.76 20.18 12.12
CA PHE A 339 -11.47 19.94 12.71
C PHE A 339 -11.22 18.45 12.78
N LEU A 340 -12.28 17.70 13.00
CA LEU A 340 -12.22 16.25 12.99
C LEU A 340 -11.78 15.80 11.59
N GLY A 341 -12.30 16.48 10.56
CA GLY A 341 -11.98 16.16 9.19
C GLY A 341 -10.49 16.35 8.92
N PHE A 342 -9.95 17.46 9.42
CA PHE A 342 -8.52 17.67 9.40
C PHE A 342 -7.77 16.52 10.07
N LEU A 343 -8.18 16.14 11.28
CA LEU A 343 -7.54 15.03 11.98
C LEU A 343 -7.59 13.75 11.13
N TRP A 344 -8.73 13.51 10.50
CA TRP A 344 -8.91 12.32 9.68
C TRP A 344 -7.95 12.33 8.50
N PHE A 345 -7.89 13.44 7.76
CA PHE A 345 -7.00 13.53 6.61
C PHE A 345 -5.54 13.61 6.99
N PHE A 346 -5.26 14.21 8.14
CA PHE A 346 -3.90 14.24 8.68
C PHE A 346 -3.47 12.79 8.96
N LEU A 347 -4.36 12.02 9.57
CA LEU A 347 -4.09 10.60 9.80
C LEU A 347 -3.77 9.90 8.46
N LEU A 348 -4.59 10.14 7.46
CA LEU A 348 -4.40 9.47 6.16
C LEU A 348 -3.08 9.92 5.55
N PHE A 349 -2.77 11.21 5.68
CA PHE A 349 -1.54 11.73 5.09
C PHE A 349 -0.29 11.05 5.65
N PHE A 350 -0.19 10.95 6.96
CA PHE A 350 0.95 10.29 7.58
C PHE A 350 0.91 8.82 7.26
N ALA A 351 -0.29 8.28 7.13
CA ALA A 351 -0.40 6.88 6.76
C ALA A 351 0.18 6.73 5.35
N GLY A 352 -0.17 7.62 4.44
CA GLY A 352 0.35 7.50 3.08
C GLY A 352 1.85 7.82 3.02
N LEU A 353 2.23 8.92 3.67
CA LEU A 353 3.62 9.38 3.66
C LEU A 353 4.61 8.31 4.16
N THR A 354 4.26 7.63 5.25
CA THR A 354 5.14 6.57 5.74
C THR A 354 5.26 5.40 4.72
N SER A 355 4.34 5.32 3.77
CA SER A 355 4.38 4.26 2.75
C SER A 355 5.03 4.72 1.45
N SER A 356 4.84 5.99 1.09
CA SER A 356 5.40 6.50 -0.14
C SER A 356 6.93 6.64 -0.06
N ILE A 357 7.45 7.00 1.11
CA ILE A 357 8.90 7.00 1.26
C ILE A 357 9.41 5.58 1.06
N ALA A 358 8.66 4.61 1.57
CA ALA A 358 9.05 3.20 1.42
C ALA A 358 9.01 2.75 -0.06
N ILE A 359 8.02 3.20 -0.81
CA ILE A 359 7.84 2.71 -2.18
C ILE A 359 8.78 3.41 -3.16
N MET A 360 9.30 4.55 -2.77
CA MET A 360 10.29 5.24 -3.61
C MET A 360 11.71 4.77 -3.34
N GLN A 361 11.95 4.18 -2.17
CA GLN A 361 13.31 3.76 -1.81
C GLN A 361 13.93 2.70 -2.75
N PRO A 362 13.13 1.80 -3.33
CA PRO A 362 13.72 0.79 -4.23
C PRO A 362 14.40 1.40 -5.47
N MET A 363 13.76 2.40 -6.09
CA MET A 363 14.40 3.02 -7.25
C MET A 363 15.66 3.75 -6.77
N ILE A 364 15.57 4.34 -5.57
CA ILE A 364 16.73 5.01 -4.97
C ILE A 364 17.88 4.04 -4.69
N ALA A 365 17.55 2.90 -4.09
CA ALA A 365 18.52 1.85 -3.81
C ALA A 365 19.15 1.38 -5.11
N PHE A 366 18.33 1.18 -6.13
CA PHE A 366 18.87 0.68 -7.40
C PHE A 366 19.90 1.64 -7.96
N LEU A 367 19.56 2.92 -8.03
CA LEU A 367 20.50 3.88 -8.59
C LEU A 367 21.77 3.92 -7.77
N GLU A 368 21.63 3.87 -6.44
CA GLU A 368 22.77 3.81 -5.52
C GLU A 368 23.60 2.55 -5.68
N ASP A 369 22.96 1.39 -5.57
CA ASP A 369 23.68 0.12 -5.51
C ASP A 369 24.26 -0.24 -6.87
N GLU A 370 23.50 0.02 -7.93
CA GLU A 370 23.85 -0.52 -9.25
C GLU A 370 24.48 0.49 -10.21
N LEU A 371 24.11 1.75 -10.08
CA LEU A 371 24.68 2.79 -10.93
C LEU A 371 25.58 3.72 -10.13
N LYS A 372 25.67 3.46 -8.83
CA LYS A 372 26.58 4.16 -7.94
C LYS A 372 26.31 5.66 -7.93
N LEU A 373 25.05 6.06 -8.04
CA LEU A 373 24.72 7.46 -7.85
C LEU A 373 24.81 7.76 -6.36
N SER A 374 25.09 9.01 -6.02
CA SER A 374 25.08 9.44 -4.64
C SER A 374 23.63 9.41 -4.18
N ARG A 375 23.42 9.38 -2.87
CA ARG A 375 22.06 9.36 -2.35
C ARG A 375 21.30 10.58 -2.84
N LYS A 376 21.94 11.75 -2.83
CA LYS A 376 21.25 12.96 -3.26
C LYS A 376 20.77 12.86 -4.71
N HIS A 377 21.66 12.40 -5.58
CA HIS A 377 21.37 12.27 -7.01
C HIS A 377 20.33 11.19 -7.25
N ALA A 378 20.35 10.13 -6.43
CA ALA A 378 19.44 9.01 -6.63
C ALA A 378 18.04 9.41 -6.24
N VAL A 379 17.95 10.16 -5.13
CA VAL A 379 16.67 10.64 -4.64
C VAL A 379 16.11 11.66 -5.60
N LEU A 380 16.92 12.61 -6.04
CA LEU A 380 16.43 13.65 -6.95
C LEU A 380 16.00 13.09 -8.32
N TRP A 381 16.76 12.14 -8.86
CA TRP A 381 16.40 11.58 -10.16
C TRP A 381 15.15 10.70 -10.04
N THR A 382 15.07 9.96 -8.94
CA THR A 382 13.87 9.21 -8.64
C THR A 382 12.66 10.15 -8.52
N ALA A 383 12.81 11.22 -7.75
CA ALA A 383 11.72 12.20 -7.66
C ALA A 383 11.37 12.79 -9.04
N ALA A 384 12.39 13.07 -9.84
CA ALA A 384 12.19 13.59 -11.20
C ALA A 384 11.38 12.64 -12.06
N ILE A 385 11.76 11.37 -12.05
CA ILE A 385 11.05 10.38 -12.83
C ILE A 385 9.60 10.21 -12.35
N VAL A 386 9.41 10.20 -11.04
CA VAL A 386 8.08 10.00 -10.48
C VAL A 386 7.24 11.24 -10.76
N PHE A 387 7.81 12.41 -10.49
CA PHE A 387 7.10 13.65 -10.76
C PHE A 387 6.67 13.74 -12.22
N PHE A 388 7.61 13.56 -13.14
CA PHE A 388 7.29 13.63 -14.56
C PHE A 388 6.13 12.67 -14.89
N SER A 389 6.32 11.42 -14.49
CA SER A 389 5.46 10.32 -14.86
C SER A 389 4.07 10.51 -14.34
N ALA A 390 3.98 11.07 -13.14
CA ALA A 390 2.72 11.28 -12.43
C ALA A 390 1.78 12.18 -13.21
N HIS A 391 2.33 12.97 -14.12
CA HIS A 391 1.49 13.83 -14.95
C HIS A 391 0.51 13.06 -15.81
N LEU A 392 0.87 11.84 -16.18
CA LEU A 392 -0.07 10.98 -16.88
C LEU A 392 -1.25 10.65 -15.95
N VAL A 393 -0.90 10.33 -14.71
CA VAL A 393 -1.89 9.96 -13.71
C VAL A 393 -2.79 11.14 -13.35
N MET A 394 -2.21 12.33 -13.33
CA MET A 394 -2.93 13.52 -12.93
C MET A 394 -3.87 14.01 -14.03
N PHE A 395 -3.53 13.71 -15.29
CA PHE A 395 -4.24 14.32 -16.43
C PHE A 395 -5.04 13.37 -17.31
N LEU A 396 -4.72 12.09 -17.25
CA LEU A 396 -5.43 11.11 -18.07
C LEU A 396 -6.34 10.25 -17.19
N ASN A 397 -7.65 10.37 -17.42
CA ASN A 397 -8.62 9.66 -16.60
C ASN A 397 -8.38 8.16 -16.70
N LYS A 398 -8.40 7.48 -15.54
CA LYS A 398 -8.26 6.02 -15.50
C LYS A 398 -6.82 5.53 -15.69
N SER A 399 -5.90 6.44 -15.90
CA SER A 399 -4.50 6.05 -15.98
C SER A 399 -4.09 5.43 -14.65
N LEU A 400 -4.43 6.12 -13.56
CA LEU A 400 -4.17 5.59 -12.22
C LEU A 400 -4.63 4.14 -12.13
N ASP A 401 -5.84 3.89 -12.61
CA ASP A 401 -6.48 2.59 -12.48
C ASP A 401 -5.73 1.50 -13.26
N GLU A 402 -5.24 1.84 -14.44
CA GLU A 402 -4.51 0.90 -15.26
C GLU A 402 -3.16 0.54 -14.61
N MET A 403 -2.48 1.54 -14.03
CA MET A 403 -1.20 1.28 -13.38
C MET A 403 -1.44 0.42 -12.14
N ASP A 404 -2.46 0.80 -11.37
CA ASP A 404 -2.79 0.08 -10.15
C ASP A 404 -3.13 -1.37 -10.46
N PHE A 405 -3.73 -1.60 -11.62
CA PHE A 405 -4.04 -2.97 -12.01
C PHE A 405 -2.83 -3.80 -12.41
N TRP A 406 -2.13 -3.39 -13.49
CA TRP A 406 -0.99 -4.16 -14.02
C TRP A 406 0.21 -4.23 -13.08
N ALA A 407 0.65 -3.09 -12.57
CA ALA A 407 1.76 -3.07 -11.62
C ALA A 407 1.26 -3.37 -10.21
N GLY A 408 0.22 -2.66 -9.81
CA GLY A 408 -0.17 -2.64 -8.41
C GLY A 408 -0.94 -3.87 -7.97
N THR A 409 -1.46 -4.67 -8.90
CA THR A 409 -2.36 -5.74 -8.52
C THR A 409 -1.93 -7.10 -9.10
N ILE A 410 -2.18 -7.29 -10.39
CA ILE A 410 -1.68 -8.44 -11.13
C ILE A 410 -0.19 -8.59 -10.86
N GLY A 411 0.53 -7.49 -11.13
CA GLY A 411 1.95 -7.43 -10.91
C GLY A 411 2.40 -7.98 -9.57
N VAL A 412 1.94 -7.39 -8.47
CA VAL A 412 2.48 -7.77 -7.18
C VAL A 412 2.16 -9.22 -6.83
N VAL A 413 0.98 -9.71 -7.21
CA VAL A 413 0.61 -11.06 -6.80
C VAL A 413 1.44 -12.08 -7.57
N PHE A 414 1.54 -11.88 -8.88
CA PHE A 414 2.43 -12.68 -9.69
C PHE A 414 3.85 -12.59 -9.15
N PHE A 415 4.28 -11.39 -8.78
CA PHE A 415 5.65 -11.24 -8.30
C PHE A 415 5.89 -11.97 -6.98
N GLY A 416 4.91 -11.89 -6.09
CA GLY A 416 4.97 -12.61 -4.83
C GLY A 416 5.14 -14.11 -5.06
N LEU A 417 4.32 -14.68 -5.94
CA LEU A 417 4.45 -16.08 -6.33
C LEU A 417 5.86 -16.36 -6.84
N THR A 418 6.37 -15.43 -7.64
CA THR A 418 7.71 -15.54 -8.18
C THR A 418 8.73 -15.56 -7.04
N GLU A 419 8.51 -14.71 -6.05
CA GLU A 419 9.40 -14.66 -4.88
C GLU A 419 9.44 -16.01 -4.17
N LEU A 420 8.26 -16.56 -3.91
CA LEU A 420 8.14 -17.89 -3.31
C LEU A 420 8.93 -18.95 -4.05
N ILE A 421 8.81 -18.96 -5.37
CA ILE A 421 9.42 -20.00 -6.21
C ILE A 421 10.93 -19.83 -6.30
N ILE A 422 11.38 -18.62 -6.60
CA ILE A 422 12.80 -18.37 -6.68
C ILE A 422 13.53 -18.69 -5.36
N PHE A 423 12.91 -18.32 -4.24
CA PHE A 423 13.53 -18.47 -2.92
C PHE A 423 13.43 -19.91 -2.41
N PHE A 424 12.22 -20.42 -2.28
CA PHE A 424 12.03 -21.75 -1.70
C PHE A 424 12.17 -22.93 -2.64
N TRP A 425 12.25 -22.68 -3.93
CA TRP A 425 12.38 -23.80 -4.86
C TRP A 425 13.67 -23.76 -5.65
N ILE A 426 14.01 -22.61 -6.19
CA ILE A 426 15.20 -22.50 -7.01
C ILE A 426 16.46 -22.27 -6.17
N PHE A 427 16.41 -21.23 -5.34
CA PHE A 427 17.53 -20.96 -4.46
C PHE A 427 17.77 -22.19 -3.58
N GLY A 428 16.69 -22.79 -3.11
CA GLY A 428 16.78 -23.98 -2.26
C GLY A 428 15.96 -23.82 -1.00
N ALA A 429 15.05 -24.76 -0.76
CA ALA A 429 14.16 -24.66 0.39
C ALA A 429 14.92 -24.65 1.72
N ASP A 430 16.01 -25.41 1.80
CA ASP A 430 16.79 -25.46 3.02
C ASP A 430 17.69 -24.23 3.18
N LYS A 431 18.31 -23.78 2.09
CA LYS A 431 19.02 -22.50 2.11
C LYS A 431 18.09 -21.33 2.46
N ALA A 432 16.89 -21.32 1.87
CA ALA A 432 15.91 -20.29 2.18
C ALA A 432 15.64 -20.28 3.67
N TRP A 433 15.33 -21.46 4.20
CA TRP A 433 14.97 -21.62 5.60
C TRP A 433 16.06 -21.08 6.53
N GLU A 434 17.30 -21.44 6.22
CA GLU A 434 18.42 -20.98 7.03
C GLU A 434 18.60 -19.47 6.89
N GLU A 435 18.39 -18.97 5.68
CA GLU A 435 18.51 -17.54 5.43
C GLU A 435 17.49 -16.72 6.25
N ILE A 436 16.29 -17.24 6.42
CA ILE A 436 15.26 -16.55 7.19
C ILE A 436 15.59 -16.57 8.69
N ASN A 437 15.99 -17.75 9.17
CA ASN A 437 16.20 -18.00 10.58
C ASN A 437 17.51 -17.47 11.15
N ARG A 438 18.53 -17.33 10.31
CA ARG A 438 19.83 -16.86 10.79
C ARG A 438 19.66 -15.56 11.59
N GLY A 439 20.21 -15.53 12.80
CA GLY A 439 20.19 -14.35 13.64
C GLY A 439 18.83 -14.04 14.25
N GLY A 440 17.86 -14.92 14.02
CA GLY A 440 16.53 -14.70 14.53
C GLY A 440 16.53 -14.67 16.04
N ILE A 441 15.81 -13.70 16.62
CA ILE A 441 15.68 -13.60 18.07
C ILE A 441 14.84 -14.76 18.55
N ILE A 442 13.80 -15.06 17.76
CA ILE A 442 13.06 -16.31 17.87
C ILE A 442 13.18 -17.01 16.52
N LYS A 443 12.86 -18.29 16.48
CA LYS A 443 12.93 -19.06 15.25
C LYS A 443 11.54 -19.26 14.65
N VAL A 444 11.46 -19.37 13.33
CA VAL A 444 10.16 -19.61 12.72
C VAL A 444 9.74 -21.04 13.08
N PRO A 445 8.48 -21.22 13.52
CA PRO A 445 8.02 -22.59 13.80
C PRO A 445 8.31 -23.53 12.61
N ARG A 446 8.88 -24.69 12.93
CA ARG A 446 9.28 -25.67 11.93
C ARG A 446 8.16 -25.97 10.93
N ILE A 447 6.93 -25.91 11.42
CA ILE A 447 5.76 -26.17 10.59
C ILE A 447 5.65 -25.17 9.41
N TYR A 448 6.17 -23.96 9.57
CA TYR A 448 6.15 -23.00 8.46
C TYR A 448 7.05 -23.37 7.30
N TYR A 449 7.93 -24.36 7.49
CA TYR A 449 8.79 -24.79 6.39
C TYR A 449 7.90 -25.36 5.31
N TYR A 450 6.89 -26.13 5.70
CA TYR A 450 6.01 -26.78 4.74
C TYR A 450 4.98 -25.80 4.19
N VAL A 451 4.46 -24.96 5.06
CA VAL A 451 3.61 -23.86 4.63
C VAL A 451 4.29 -23.08 3.50
N MET A 452 5.53 -22.64 3.76
CA MET A 452 6.26 -21.85 2.78
C MET A 452 6.54 -22.59 1.47
N ARG A 453 6.85 -23.87 1.56
CA ARG A 453 7.24 -24.62 0.37
C ARG A 453 6.04 -25.07 -0.46
N TYR A 454 4.91 -25.31 0.19
CA TYR A 454 3.76 -25.90 -0.49
C TYR A 454 2.49 -25.05 -0.39
N ILE A 455 2.13 -24.67 0.82
CA ILE A 455 0.85 -24.01 1.06
C ILE A 455 0.80 -22.59 0.49
N THR A 456 1.74 -21.75 0.91
CA THR A 456 1.79 -20.36 0.46
C THR A 456 1.81 -20.18 -1.08
N PRO A 457 2.67 -20.94 -1.79
CA PRO A 457 2.71 -20.83 -3.25
C PRO A 457 1.41 -21.31 -3.90
N ALA A 458 0.85 -22.39 -3.39
CA ALA A 458 -0.44 -22.86 -3.85
C ALA A 458 -1.48 -21.74 -3.71
N PHE A 459 -1.65 -21.23 -2.50
CA PHE A 459 -2.53 -20.10 -2.24
C PHE A 459 -2.35 -19.02 -3.29
N LEU A 460 -1.13 -18.49 -3.41
CA LEU A 460 -0.87 -17.42 -4.35
C LEU A 460 -1.15 -17.83 -5.79
N ALA A 461 -0.87 -19.08 -6.13
CA ALA A 461 -1.14 -19.58 -7.48
C ALA A 461 -2.64 -19.50 -7.79
N VAL A 462 -3.46 -19.74 -6.78
CA VAL A 462 -4.91 -19.63 -6.93
C VAL A 462 -5.37 -18.17 -7.04
N LEU A 463 -4.86 -17.33 -6.16
CA LEU A 463 -5.20 -15.91 -6.20
C LEU A 463 -4.85 -15.37 -7.57
N LEU A 464 -3.68 -15.73 -8.08
CA LEU A 464 -3.27 -15.26 -9.39
C LEU A 464 -4.23 -15.83 -10.45
N VAL A 465 -4.50 -17.14 -10.39
CA VAL A 465 -5.19 -17.83 -11.46
C VAL A 465 -6.72 -17.65 -11.45
N VAL A 466 -7.39 -18.36 -10.56
CA VAL A 466 -8.84 -18.32 -10.45
C VAL A 466 -9.33 -16.88 -10.62
N TRP A 467 -8.61 -15.96 -9.98
CA TRP A 467 -8.95 -14.55 -10.06
C TRP A 467 -8.59 -13.90 -11.42
N ALA A 468 -7.36 -14.09 -11.90
CA ALA A 468 -6.92 -13.49 -13.17
C ALA A 468 -7.81 -13.83 -14.35
N ARG A 469 -8.34 -15.05 -14.37
CA ARG A 469 -9.33 -15.43 -15.37
C ARG A 469 -10.52 -14.48 -15.30
N GLU A 470 -10.85 -14.05 -14.08
CA GLU A 470 -12.05 -13.26 -13.85
C GLU A 470 -11.81 -11.75 -13.89
N TYR A 471 -10.61 -11.32 -14.26
CA TYR A 471 -10.29 -9.89 -14.28
C TYR A 471 -9.72 -9.40 -15.61
N ILE A 472 -8.63 -10.05 -16.06
CA ILE A 472 -7.93 -9.59 -17.28
C ILE A 472 -8.80 -9.44 -18.54
N PRO A 473 -9.72 -10.40 -18.80
CA PRO A 473 -10.55 -10.29 -20.02
C PRO A 473 -11.37 -9.00 -20.04
N LYS A 474 -11.92 -8.63 -18.89
CA LYS A 474 -12.66 -7.39 -18.75
C LYS A 474 -11.76 -6.17 -19.03
N ILE A 475 -10.60 -6.13 -18.40
CA ILE A 475 -9.66 -5.03 -18.58
C ILE A 475 -9.15 -4.94 -20.03
N MET A 476 -8.95 -6.10 -20.67
CA MET A 476 -8.46 -6.14 -22.03
C MET A 476 -9.54 -5.81 -23.07
N GLU A 477 -10.79 -6.09 -22.72
CA GLU A 477 -11.89 -6.03 -23.69
C GLU A 477 -12.85 -4.87 -23.46
N GLU A 478 -13.11 -4.57 -22.20
CA GLU A 478 -14.16 -3.61 -21.86
C GLU A 478 -13.67 -2.20 -21.53
N THR A 479 -12.39 -1.92 -21.80
CA THR A 479 -11.81 -0.62 -21.47
C THR A 479 -11.76 0.37 -22.63
N HIS A 480 -11.71 1.65 -22.30
CA HIS A 480 -11.51 2.72 -23.28
C HIS A 480 -10.13 2.59 -23.95
N TRP A 481 -10.01 3.00 -25.20
CA TRP A 481 -8.76 2.84 -25.96
C TRP A 481 -7.59 3.52 -25.25
N THR A 482 -7.91 4.57 -24.49
CA THR A 482 -6.86 5.37 -23.84
C THR A 482 -6.03 4.55 -22.86
N VAL A 483 -6.52 3.37 -22.49
CA VAL A 483 -5.74 2.50 -21.62
C VAL A 483 -4.40 2.18 -22.25
N TRP A 484 -4.38 2.09 -23.57
CA TRP A 484 -3.16 1.79 -24.30
C TRP A 484 -2.05 2.83 -24.11
N ILE A 485 -2.47 4.06 -23.84
CA ILE A 485 -1.52 5.13 -23.56
C ILE A 485 -0.75 4.77 -22.30
N THR A 486 -1.47 4.36 -21.26
CA THR A 486 -0.83 4.04 -20.00
C THR A 486 -0.01 2.78 -20.14
N ARG A 487 -0.60 1.76 -20.76
CA ARG A 487 0.14 0.53 -21.06
C ARG A 487 1.43 0.78 -21.81
N PHE A 488 1.34 1.59 -22.86
CA PHE A 488 2.50 1.96 -23.67
C PHE A 488 3.54 2.54 -22.72
N TYR A 489 3.14 3.57 -21.99
CA TYR A 489 4.08 4.27 -21.12
C TYR A 489 4.73 3.36 -20.10
N ILE A 490 3.96 2.54 -19.41
CA ILE A 490 4.56 1.71 -18.36
C ILE A 490 5.38 0.57 -18.94
N ILE A 491 5.02 0.10 -20.13
CA ILE A 491 5.90 -0.83 -20.84
C ILE A 491 7.21 -0.12 -21.18
N GLY A 492 7.11 1.14 -21.59
CA GLY A 492 8.28 1.97 -21.76
C GLY A 492 9.15 2.03 -20.51
N LEU A 493 8.51 2.26 -19.35
CA LEU A 493 9.23 2.29 -18.09
C LEU A 493 9.91 0.95 -17.87
N PHE A 494 9.25 -0.14 -18.25
CA PHE A 494 9.89 -1.43 -18.06
C PHE A 494 11.13 -1.54 -18.93
N LEU A 495 11.05 -1.02 -20.15
CA LEU A 495 12.17 -1.07 -21.10
C LEU A 495 13.31 -0.21 -20.58
N PHE A 496 12.94 0.94 -20.00
CA PHE A 496 13.88 1.88 -19.44
C PHE A 496 14.68 1.22 -18.31
N LEU A 497 13.99 0.52 -17.41
CA LEU A 497 14.66 -0.19 -16.33
C LEU A 497 15.55 -1.32 -16.85
N THR A 498 15.06 -2.06 -17.84
CA THR A 498 15.89 -3.08 -18.47
C THR A 498 17.19 -2.44 -18.98
N PHE A 499 17.06 -1.27 -19.60
CA PHE A 499 18.24 -0.57 -20.11
C PHE A 499 19.20 -0.17 -18.98
N LEU A 500 18.67 0.40 -17.90
CA LEU A 500 19.52 0.71 -16.74
C LEU A 500 20.23 -0.53 -16.16
N VAL A 501 19.53 -1.66 -16.10
CA VAL A 501 20.14 -2.88 -15.60
C VAL A 501 21.26 -3.29 -16.57
N PHE A 502 20.99 -3.11 -17.87
CA PHE A 502 22.00 -3.40 -18.89
C PHE A 502 23.25 -2.53 -18.65
N LEU A 503 23.03 -1.26 -18.33
CA LEU A 503 24.12 -0.33 -18.07
C LEU A 503 24.81 -0.68 -16.77
N ALA A 504 24.05 -1.13 -15.79
CA ALA A 504 24.61 -1.51 -14.51
C ALA A 504 25.59 -2.66 -14.72
N GLU A 505 25.16 -3.66 -15.49
CA GLU A 505 25.99 -4.83 -15.71
C GLU A 505 27.19 -4.50 -16.60
N ARG A 506 27.05 -3.49 -17.46
CA ARG A 506 28.19 -3.08 -18.27
C ARG A 506 29.19 -2.33 -17.38
N ARG A 507 28.68 -1.49 -16.49
CA ARG A 507 29.54 -0.75 -15.58
C ARG A 507 30.30 -1.71 -14.69
N ARG A 508 29.62 -2.77 -14.25
CA ARG A 508 30.24 -3.77 -13.40
C ARG A 508 31.34 -4.55 -14.12
N ASN A 509 31.09 -4.92 -15.37
CA ASN A 509 32.08 -5.65 -16.14
C ASN A 509 33.32 -4.81 -16.38
N HIS A 510 33.12 -3.51 -16.56
CA HIS A 510 34.24 -2.59 -16.74
C HIS A 510 35.09 -2.50 -15.48
N GLU A 511 34.45 -2.28 -14.34
CA GLU A 511 35.16 -2.17 -13.08
C GLU A 511 35.52 -3.55 -12.54
#